data_1W9D
#
_entry.id   1W9D
#
_cell.length_a   135.300
_cell.length_b   137.200
_cell.length_c   80.600
_cell.angle_alpha   90.00
_cell.angle_beta   90.00
_cell.angle_gamma   90.00
#
_symmetry.space_group_name_H-M   'C 2 2 21'
#
loop_
_entity.id
_entity.type
_entity.pdbx_description
1 polymer GLYCOSIDASE
2 branched 2-acetamido-2-deoxy-beta-D-glucopyranose-(1-4)-2-acetamido-2-deoxy-beta-D-glucopyranose
3 branched beta-D-xylopyranose-(1-2)-beta-D-mannopyranose-(1-4)-2-acetamido-2-deoxy-beta-D-glucopyranose-(1-4)-[alpha-L-fucopyranose-(1-3)]2-acetamido-2-deoxy-beta-D-glucopyranose
4 branched beta-D-xylopyranose-(1-2)-[alpha-D-mannopyranose-(1-3)][alpha-D-mannopyranose-(1-6)]beta-D-mannopyranose-(1-4)-2-acetamido-2-deoxy-beta-D-glucopyranose-(1-4)-[alpha-L-fucopyranose-(1-3)]2-acetamido-2-deoxy-beta-D-glucopyranose
5 non-polymer 2-acetamido-2-deoxy-beta-D-glucopyranose
6 non-polymer 'S-BENZYL PHENYLACETOTHIOHYDROXIMATE-O-SULFATE'
7 non-polymer 'ZINC ION'
8 non-polymer 'SULFATE ION'
9 non-polymer GLYCEROL
10 water water
#
_entity_poly.entity_id   1
_entity_poly.type   'polypeptide(L)'
_entity_poly.pdbx_seq_one_letter_code
;DEEITCQENLPFTCGNTDALNSSSFSSDFIFGVASSAYQIEGTIGRGLNIWDGFTHRYPNKSGPDHGNGDTTCDSFSYWQ
KDIDVLDELNATGYRFSIAWSRIIPRGKRSRGVNEKGIDYYHGLISGLIKKGITPFVTLFHWDLPQTLQDEYEGFLDPQI
IDDFKDYADLCFEEFGDSVKYWLTINQLYSVPTRGYGSALDAPGRCSPTVDPSCYAGNSSTEPYIVAHHQLLAHAKVVDL
YRKNYTHQGGKIGPTMITRWFLPYNDTDRHSIAATERMKEFFLGWFMGPLTNGTYPQIMIDTVGERLPSFSPEESNLVKG
SYDFLGLNYYFTQYAQPSPNPVNSTNHTAMMDAGAKLTYINASGHYIGPLFEKDKADSTDNIYYYPKGIYSVMDYFKNKY
YNPLIYVTENGISTPGDENRNQSMLDYTRIDYLCSHLCFLNKVIKEKDVNVKGYLAWALGDNYEFNKGFTVRFGLSYIDW
NNVTDRDLKKSGQWYQSFISP
;
_entity_poly.pdbx_strand_id   M
#
# COMPACT_ATOMS: atom_id res chain seq x y z
N GLU A 3 20.61 -6.18 -24.38
CA GLU A 3 20.98 -5.93 -22.96
C GLU A 3 20.40 -4.58 -22.52
N ILE A 4 19.54 -4.62 -21.50
CA ILE A 4 18.90 -3.41 -20.97
C ILE A 4 19.74 -2.75 -19.90
N THR A 5 19.94 -1.44 -20.05
CA THR A 5 20.71 -0.68 -19.08
C THR A 5 19.78 0.38 -18.47
N CYS A 6 19.73 0.42 -17.14
CA CYS A 6 18.89 1.39 -16.44
C CYS A 6 19.72 2.28 -15.53
N GLN A 7 19.33 3.54 -15.45
CA GLN A 7 20.02 4.52 -14.61
C GLN A 7 19.58 4.45 -13.16
N GLU A 8 20.54 4.67 -12.26
CA GLU A 8 20.28 4.64 -10.83
C GLU A 8 20.43 6.02 -10.20
N ASN A 9 21.08 6.93 -10.93
CA ASN A 9 21.34 8.28 -10.43
C ASN A 9 20.90 9.38 -11.39
N LEU A 10 20.68 10.57 -10.84
CA LEU A 10 20.32 11.72 -11.66
C LEU A 10 21.56 12.08 -12.48
N PRO A 11 21.36 12.55 -13.72
CA PRO A 11 20.07 12.75 -14.37
C PRO A 11 19.57 11.50 -15.07
N PHE A 12 18.26 11.39 -15.19
CA PHE A 12 17.63 10.26 -15.85
C PHE A 12 17.27 10.67 -17.27
N THR A 13 17.27 9.70 -18.17
CA THR A 13 16.92 9.96 -19.56
C THR A 13 15.79 9.03 -20.00
N CYS A 14 15.19 8.34 -19.04
CA CYS A 14 14.10 7.41 -19.33
C CYS A 14 12.77 8.07 -19.63
N GLY A 15 12.73 9.40 -19.58
CA GLY A 15 11.51 10.13 -19.87
C GLY A 15 11.25 10.24 -21.36
N ASN A 16 12.20 9.75 -22.15
CA ASN A 16 12.10 9.76 -23.61
C ASN A 16 11.36 8.51 -24.03
N THR A 17 10.10 8.67 -24.45
CA THR A 17 9.27 7.54 -24.86
C THR A 17 9.79 6.81 -26.10
N ASP A 18 10.81 7.37 -26.74
CA ASP A 18 11.41 6.74 -27.91
C ASP A 18 12.32 5.61 -27.41
N ALA A 19 12.78 5.74 -26.18
CA ALA A 19 13.66 4.75 -25.55
C ALA A 19 12.89 3.78 -24.65
N LEU A 20 11.93 4.31 -23.89
CA LEU A 20 11.14 3.49 -22.99
C LEU A 20 9.65 3.79 -23.10
N ASN A 21 8.86 2.75 -23.38
CA ASN A 21 7.43 2.88 -23.52
C ASN A 21 6.74 1.55 -23.25
N SER A 22 5.40 1.55 -23.33
CA SER A 22 4.63 0.34 -23.08
C SER A 22 4.97 -0.83 -23.99
N SER A 23 5.44 -0.53 -25.20
CA SER A 23 5.81 -1.55 -26.17
C SER A 23 7.03 -2.34 -25.73
N SER A 24 7.74 -1.81 -24.73
CA SER A 24 8.93 -2.47 -24.18
C SER A 24 8.48 -3.69 -23.37
N PHE A 25 7.23 -3.66 -22.90
CA PHE A 25 6.64 -4.73 -22.11
C PHE A 25 5.76 -5.64 -22.98
N SER A 26 5.31 -6.74 -22.41
CA SER A 26 4.44 -7.69 -23.12
C SER A 26 3.13 -6.99 -23.49
N SER A 27 2.57 -7.37 -24.64
CA SER A 27 1.33 -6.78 -25.15
C SER A 27 0.15 -6.70 -24.17
N ASP A 28 0.03 -7.69 -23.30
CA ASP A 28 -1.08 -7.72 -22.35
C ASP A 28 -0.80 -7.05 -21.00
N PHE A 29 0.39 -6.49 -20.85
CA PHE A 29 0.80 -5.82 -19.61
C PHE A 29 -0.14 -4.65 -19.29
N ILE A 30 -0.65 -4.63 -18.07
CA ILE A 30 -1.56 -3.59 -17.63
C ILE A 30 -0.85 -2.37 -17.06
N PHE A 31 -1.25 -1.18 -17.52
CA PHE A 31 -0.69 0.08 -17.03
C PHE A 31 -1.81 0.97 -16.53
N GLY A 32 -1.63 1.54 -15.35
CA GLY A 32 -2.67 2.41 -14.82
C GLY A 32 -2.20 3.16 -13.60
N VAL A 33 -3.17 3.55 -12.78
CA VAL A 33 -2.90 4.29 -11.55
C VAL A 33 -3.75 3.71 -10.42
N ALA A 34 -3.49 4.18 -9.21
CA ALA A 34 -4.20 3.68 -8.04
C ALA A 34 -4.69 4.79 -7.12
N SER A 35 -5.62 4.43 -6.23
CA SER A 35 -6.19 5.35 -5.25
C SER A 35 -6.78 4.53 -4.12
N SER A 36 -7.29 5.22 -3.10
CA SER A 36 -7.97 4.53 -1.99
C SER A 36 -9.16 5.38 -1.55
N ALA A 37 -10.18 4.71 -1.03
CA ALA A 37 -11.44 5.35 -0.62
C ALA A 37 -11.35 6.50 0.36
N TYR A 38 -10.69 6.29 1.50
CA TYR A 38 -10.60 7.36 2.47
C TYR A 38 -9.92 8.59 1.89
N GLN A 39 -8.92 8.35 1.06
CA GLN A 39 -8.15 9.43 0.48
C GLN A 39 -8.81 10.26 -0.60
N ILE A 40 -9.82 9.69 -1.28
CA ILE A 40 -10.45 10.43 -2.38
C ILE A 40 -11.95 10.69 -2.34
N GLU A 41 -12.72 9.88 -1.63
CA GLU A 41 -14.17 10.02 -1.66
C GLU A 41 -14.85 11.14 -0.90
N GLY A 42 -14.53 11.24 0.38
CA GLY A 42 -15.19 12.21 1.25
C GLY A 42 -16.14 11.39 2.09
N THR A 43 -16.58 11.95 3.21
CA THR A 43 -17.49 11.26 4.13
C THR A 43 -18.94 11.21 3.68
N ILE A 44 -19.29 12.07 2.72
CA ILE A 44 -20.67 12.10 2.24
C ILE A 44 -21.16 10.73 1.77
N GLY A 45 -22.31 10.32 2.29
CA GLY A 45 -22.92 9.05 1.91
C GLY A 45 -22.37 7.80 2.58
N ARG A 46 -21.49 7.96 3.56
CA ARG A 46 -20.96 6.79 4.24
C ARG A 46 -20.93 6.96 5.75
N GLY A 47 -20.76 5.83 6.43
CA GLY A 47 -20.65 5.85 7.89
C GLY A 47 -19.24 6.31 8.25
N LEU A 48 -18.96 6.33 9.54
CA LEU A 48 -17.66 6.75 10.03
C LEU A 48 -16.72 5.57 10.24
N ASN A 49 -15.46 5.77 9.89
CA ASN A 49 -14.45 4.73 10.05
C ASN A 49 -13.32 5.22 10.96
N ILE A 50 -12.37 4.34 11.26
CA ILE A 50 -11.28 4.72 12.16
C ILE A 50 -10.36 5.81 11.64
N TRP A 51 -10.34 6.05 10.33
CA TRP A 51 -9.52 7.14 9.85
C TRP A 51 -10.24 8.47 10.12
N ASP A 52 -11.57 8.46 10.09
CA ASP A 52 -12.31 9.67 10.45
C ASP A 52 -12.07 9.85 11.96
N GLY A 53 -12.21 8.76 12.70
CA GLY A 53 -12.02 8.82 14.15
C GLY A 53 -10.65 9.30 14.58
N PHE A 54 -9.62 8.71 13.99
CA PHE A 54 -8.24 9.03 14.30
C PHE A 54 -7.88 10.48 13.94
N THR A 55 -8.23 10.89 12.73
CA THR A 55 -7.90 12.25 12.28
C THR A 55 -8.64 13.32 13.07
N HIS A 56 -9.79 12.97 13.62
CA HIS A 56 -10.59 13.91 14.38
C HIS A 56 -10.23 13.97 15.86
N ARG A 57 -9.84 12.82 16.42
CA ARG A 57 -9.46 12.77 17.82
C ARG A 57 -8.03 13.26 18.00
N TYR A 58 -7.19 13.00 17.00
CA TYR A 58 -5.77 13.37 17.02
C TYR A 58 -5.46 14.19 15.77
N PRO A 59 -5.96 15.43 15.69
CA PRO A 59 -5.70 16.26 14.52
C PRO A 59 -4.23 16.45 14.14
N ASN A 60 -3.37 16.55 15.15
CA ASN A 60 -1.94 16.71 14.90
C ASN A 60 -1.34 15.51 14.16
N LYS A 61 -1.99 14.36 14.30
CA LYS A 61 -1.53 13.14 13.64
C LYS A 61 -2.11 12.96 12.24
N SER A 62 -3.17 13.69 11.92
CA SER A 62 -3.78 13.59 10.60
C SER A 62 -2.87 14.18 9.54
N GLY A 63 -2.11 15.19 9.93
CA GLY A 63 -1.19 15.86 9.04
C GLY A 63 -0.75 17.17 9.67
N PRO A 64 0.36 17.76 9.23
CA PRO A 64 0.85 19.01 9.80
C PRO A 64 -0.20 20.13 9.66
N ASP A 65 -1.02 20.03 8.62
CA ASP A 65 -2.08 20.99 8.35
C ASP A 65 -3.42 20.59 8.98
N HIS A 66 -3.40 19.48 9.73
CA HIS A 66 -4.60 18.93 10.37
C HIS A 66 -5.65 18.54 9.34
N GLY A 67 -5.21 18.35 8.09
CA GLY A 67 -6.12 17.96 7.03
C GLY A 67 -6.58 16.53 7.20
N ASN A 68 -7.75 16.22 6.66
CA ASN A 68 -8.31 14.88 6.75
C ASN A 68 -9.10 14.55 5.49
N GLY A 69 -9.74 13.38 5.47
CA GLY A 69 -10.50 12.97 4.30
C GLY A 69 -11.97 13.36 4.28
N ASP A 70 -12.36 14.38 5.03
CA ASP A 70 -13.75 14.81 5.07
C ASP A 70 -14.35 15.10 3.71
N THR A 71 -13.65 15.87 2.89
CA THR A 71 -14.14 16.20 1.56
C THR A 71 -13.11 15.81 0.51
N THR A 72 -11.83 16.03 0.83
CA THR A 72 -10.70 15.73 -0.05
C THR A 72 -11.01 16.09 -1.51
N CYS A 73 -10.69 15.22 -2.46
CA CYS A 73 -10.96 15.54 -3.87
C CYS A 73 -12.38 15.24 -4.31
N ASP A 74 -13.22 14.84 -3.35
CA ASP A 74 -14.64 14.55 -3.58
C ASP A 74 -14.91 13.60 -4.75
N SER A 75 -14.30 12.42 -4.72
CA SER A 75 -14.52 11.45 -5.78
C SER A 75 -15.91 10.82 -5.66
N PHE A 76 -16.60 11.11 -4.57
CA PHE A 76 -17.96 10.61 -4.41
C PHE A 76 -18.78 11.30 -5.50
N SER A 77 -18.59 12.62 -5.61
CA SER A 77 -19.31 13.42 -6.59
C SER A 77 -18.63 13.39 -7.95
N TYR A 78 -17.29 13.38 -7.95
CA TYR A 78 -16.53 13.43 -9.20
C TYR A 78 -15.86 12.16 -9.68
N TRP A 79 -16.48 11.01 -9.41
CA TRP A 79 -15.94 9.72 -9.84
C TRP A 79 -15.79 9.67 -11.36
N GLN A 80 -16.69 10.34 -12.07
CA GLN A 80 -16.63 10.37 -13.54
C GLN A 80 -15.37 11.07 -14.00
N LYS A 81 -14.94 12.08 -13.24
CA LYS A 81 -13.74 12.83 -13.57
C LYS A 81 -12.52 11.93 -13.42
N ASP A 82 -12.59 10.97 -12.49
CA ASP A 82 -11.50 10.03 -12.28
C ASP A 82 -11.41 9.14 -13.52
N ILE A 83 -12.56 8.66 -13.97
CA ILE A 83 -12.61 7.82 -15.16
C ILE A 83 -12.07 8.60 -16.36
N ASP A 84 -12.40 9.89 -16.44
CA ASP A 84 -11.93 10.73 -17.55
C ASP A 84 -10.40 10.80 -17.60
N VAL A 85 -9.77 10.87 -16.42
CA VAL A 85 -8.30 10.91 -16.33
C VAL A 85 -7.73 9.60 -16.88
N LEU A 86 -8.33 8.49 -16.44
CA LEU A 86 -7.91 7.17 -16.88
C LEU A 86 -8.07 7.01 -18.39
N ASP A 87 -9.18 7.53 -18.90
CA ASP A 87 -9.49 7.48 -20.33
C ASP A 87 -8.45 8.29 -21.10
N GLU A 88 -8.12 9.46 -20.57
CA GLU A 88 -7.14 10.35 -21.18
C GLU A 88 -5.78 9.67 -21.23
N LEU A 89 -5.44 8.93 -20.18
CA LEU A 89 -4.17 8.22 -20.10
C LEU A 89 -4.16 6.97 -20.96
N ASN A 90 -5.34 6.53 -21.40
CA ASN A 90 -5.51 5.30 -22.17
C ASN A 90 -5.05 4.16 -21.25
N ALA A 91 -5.30 4.33 -19.96
CA ALA A 91 -4.94 3.35 -18.95
C ALA A 91 -5.76 2.08 -19.14
N THR A 92 -5.14 0.94 -18.87
CA THR A 92 -5.82 -0.34 -18.98
C THR A 92 -6.15 -0.91 -17.62
N GLY A 93 -5.74 -0.21 -16.56
CA GLY A 93 -6.02 -0.67 -15.21
C GLY A 93 -6.20 0.47 -14.24
N TYR A 94 -7.01 0.23 -13.20
CA TYR A 94 -7.24 1.22 -12.16
C TYR A 94 -7.49 0.51 -10.86
N ARG A 95 -6.68 0.85 -9.87
CA ARG A 95 -6.85 0.26 -8.55
C ARG A 95 -7.51 1.28 -7.65
N PHE A 96 -8.64 0.89 -7.06
CA PHE A 96 -9.35 1.75 -6.14
C PHE A 96 -9.80 0.84 -5.00
N SER A 97 -10.26 1.44 -3.91
CA SER A 97 -10.73 0.62 -2.81
C SER A 97 -12.18 0.91 -2.49
N ILE A 98 -12.84 -0.09 -1.91
CA ILE A 98 -14.23 0.05 -1.50
C ILE A 98 -14.22 0.42 -0.02
N ALA A 99 -14.95 1.48 0.32
CA ALA A 99 -15.04 1.91 1.71
C ALA A 99 -16.07 1.03 2.39
N TRP A 100 -15.60 0.20 3.32
CA TRP A 100 -16.46 -0.69 4.08
C TRP A 100 -17.61 0.13 4.70
N SER A 101 -17.27 1.31 5.20
CA SER A 101 -18.26 2.20 5.81
C SER A 101 -19.30 2.74 4.84
N ARG A 102 -19.00 2.67 3.54
CA ARG A 102 -19.95 3.14 2.55
C ARG A 102 -20.99 2.08 2.23
N ILE A 103 -20.60 0.82 2.20
CA ILE A 103 -21.58 -0.22 1.90
C ILE A 103 -22.20 -0.91 3.12
N ILE A 104 -21.48 -0.94 4.23
CA ILE A 104 -22.02 -1.48 5.49
C ILE A 104 -21.61 -0.50 6.59
N PRO A 105 -22.31 0.64 6.67
CA PRO A 105 -22.03 1.67 7.68
C PRO A 105 -21.98 1.14 9.12
N ARG A 106 -22.80 0.13 9.41
CA ARG A 106 -22.84 -0.43 10.75
C ARG A 106 -21.83 -1.56 10.99
N GLY A 107 -20.90 -1.72 10.05
CA GLY A 107 -19.86 -2.73 10.18
C GLY A 107 -20.24 -4.17 9.93
N LYS A 108 -21.12 -4.69 10.78
CA LYS A 108 -21.60 -6.07 10.67
C LYS A 108 -22.72 -6.13 9.64
N ARG A 109 -22.54 -6.97 8.62
CA ARG A 109 -23.50 -7.10 7.53
C ARG A 109 -24.95 -7.37 7.93
N SER A 110 -25.16 -8.14 9.00
CA SER A 110 -26.51 -8.46 9.46
C SER A 110 -27.29 -7.22 9.91
N ARG A 111 -26.56 -6.13 10.15
CA ARG A 111 -27.17 -4.87 10.57
C ARG A 111 -27.74 -4.08 9.40
N GLY A 112 -27.54 -4.61 8.20
CA GLY A 112 -28.05 -3.95 7.01
C GLY A 112 -26.96 -3.37 6.13
N VAL A 113 -27.30 -3.14 4.87
CA VAL A 113 -26.35 -2.58 3.91
C VAL A 113 -26.87 -1.24 3.39
N ASN A 114 -25.96 -0.45 2.83
CA ASN A 114 -26.31 0.84 2.27
C ASN A 114 -26.43 0.64 0.76
N GLU A 115 -27.66 0.48 0.28
CA GLU A 115 -27.89 0.26 -1.14
C GLU A 115 -27.33 1.38 -2.01
N LYS A 116 -27.41 2.61 -1.52
CA LYS A 116 -26.87 3.75 -2.28
C LYS A 116 -25.36 3.66 -2.39
N GLY A 117 -24.73 3.15 -1.34
CA GLY A 117 -23.28 2.99 -1.36
C GLY A 117 -22.87 1.93 -2.35
N ILE A 118 -23.65 0.86 -2.41
CA ILE A 118 -23.41 -0.23 -3.34
C ILE A 118 -23.56 0.29 -4.77
N ASP A 119 -24.57 1.13 -4.99
CA ASP A 119 -24.81 1.73 -6.30
C ASP A 119 -23.65 2.62 -6.73
N TYR A 120 -23.04 3.33 -5.78
CA TYR A 120 -21.90 4.18 -6.08
C TYR A 120 -20.79 3.38 -6.77
N TYR A 121 -20.45 2.23 -6.20
CA TYR A 121 -19.41 1.39 -6.78
C TYR A 121 -19.83 0.72 -8.08
N HIS A 122 -21.12 0.39 -8.20
CA HIS A 122 -21.63 -0.21 -9.43
C HIS A 122 -21.39 0.77 -10.58
N GLY A 123 -21.72 2.03 -10.33
CA GLY A 123 -21.55 3.05 -11.36
C GLY A 123 -20.10 3.23 -11.76
N LEU A 124 -19.22 3.27 -10.77
CA LEU A 124 -17.80 3.43 -11.03
C LEU A 124 -17.25 2.26 -11.84
N ILE A 125 -17.57 1.05 -11.41
CA ILE A 125 -17.11 -0.16 -12.07
C ILE A 125 -17.62 -0.24 -13.51
N SER A 126 -18.90 0.06 -13.70
CA SER A 126 -19.50 0.04 -15.04
C SER A 126 -18.80 1.06 -15.93
N GLY A 127 -18.51 2.23 -15.37
CA GLY A 127 -17.84 3.28 -16.13
C GLY A 127 -16.43 2.91 -16.55
N LEU A 128 -15.71 2.24 -15.67
CA LEU A 128 -14.34 1.82 -15.95
C LEU A 128 -14.33 0.78 -17.07
N ILE A 129 -15.19 -0.22 -16.94
CA ILE A 129 -15.26 -1.29 -17.92
C ILE A 129 -15.67 -0.78 -19.29
N LYS A 130 -16.58 0.20 -19.31
CA LYS A 130 -17.04 0.79 -20.58
C LYS A 130 -15.91 1.51 -21.32
N LYS A 131 -14.87 1.89 -20.59
CA LYS A 131 -13.72 2.57 -21.18
C LYS A 131 -12.52 1.63 -21.34
N GLY A 132 -12.76 0.33 -21.17
CA GLY A 132 -11.72 -0.67 -21.32
C GLY A 132 -10.67 -0.66 -20.21
N ILE A 133 -11.08 -0.24 -19.02
CA ILE A 133 -10.18 -0.18 -17.88
C ILE A 133 -10.49 -1.33 -16.93
N THR A 134 -9.48 -2.14 -16.65
CA THR A 134 -9.60 -3.28 -15.75
C THR A 134 -9.52 -2.85 -14.29
N PRO A 135 -10.59 -3.09 -13.52
CA PRO A 135 -10.57 -2.70 -12.10
C PRO A 135 -9.77 -3.68 -11.24
N PHE A 136 -9.01 -3.12 -10.30
CA PHE A 136 -8.25 -3.90 -9.31
C PHE A 136 -8.81 -3.28 -8.04
N VAL A 137 -9.64 -4.04 -7.34
CA VAL A 137 -10.33 -3.52 -6.17
C VAL A 137 -9.84 -4.00 -4.82
N THR A 138 -9.45 -3.04 -3.99
CA THR A 138 -8.98 -3.33 -2.64
C THR A 138 -10.18 -3.33 -1.70
N LEU A 139 -10.38 -4.45 -1.02
CA LEU A 139 -11.50 -4.57 -0.08
C LEU A 139 -11.28 -3.72 1.16
N PHE A 140 -10.06 -3.73 1.66
CA PHE A 140 -9.76 -3.00 2.89
C PHE A 140 -8.49 -2.16 2.80
N HIS A 141 -8.68 -0.87 2.58
CA HIS A 141 -7.55 0.05 2.55
C HIS A 141 -7.52 0.87 3.83
N TRP A 142 -7.52 0.14 4.95
CA TRP A 142 -7.40 0.70 6.31
C TRP A 142 -8.59 1.40 6.95
N ASP A 143 -9.62 1.69 6.18
CA ASP A 143 -10.79 2.42 6.67
C ASP A 143 -11.84 1.54 7.34
N LEU A 144 -11.49 0.99 8.50
CA LEU A 144 -12.40 0.12 9.25
C LEU A 144 -13.53 0.90 9.92
N PRO A 145 -14.78 0.43 9.77
CA PRO A 145 -15.91 1.14 10.40
C PRO A 145 -15.60 1.35 11.88
N GLN A 146 -15.79 2.59 12.34
CA GLN A 146 -15.50 2.94 13.73
C GLN A 146 -16.21 2.05 14.74
N THR A 147 -17.43 1.66 14.42
CA THR A 147 -18.20 0.79 15.31
C THR A 147 -17.45 -0.50 15.66
N LEU A 148 -16.74 -1.07 14.69
CA LEU A 148 -16.01 -2.31 14.92
C LEU A 148 -14.80 -2.08 15.84
N GLN A 149 -14.15 -0.92 15.69
CA GLN A 149 -13.02 -0.61 16.55
C GLN A 149 -13.53 -0.35 17.97
N ASP A 150 -14.71 0.25 18.09
CA ASP A 150 -15.27 0.52 19.40
C ASP A 150 -15.90 -0.69 20.07
N GLU A 151 -16.41 -1.63 19.26
CA GLU A 151 -17.01 -2.84 19.80
C GLU A 151 -15.97 -3.81 20.36
N TYR A 152 -14.92 -4.05 19.57
CA TYR A 152 -13.89 -5.01 19.97
C TYR A 152 -12.47 -4.66 19.53
N GLU A 153 -12.24 -3.38 19.25
CA GLU A 153 -10.94 -2.88 18.82
C GLU A 153 -10.45 -3.46 17.49
N GLY A 154 -11.40 -3.63 16.57
CA GLY A 154 -11.09 -4.10 15.24
C GLY A 154 -10.20 -5.31 15.07
N PHE A 155 -9.12 -5.14 14.31
CA PHE A 155 -8.20 -6.24 14.05
C PHE A 155 -7.45 -6.78 15.26
N LEU A 156 -7.62 -6.14 16.41
CA LEU A 156 -6.98 -6.61 17.63
C LEU A 156 -7.73 -7.84 18.16
N ASP A 157 -8.96 -8.03 17.70
CA ASP A 157 -9.80 -9.14 18.17
C ASP A 157 -10.16 -10.10 17.03
N PRO A 158 -10.23 -11.42 17.33
CA PRO A 158 -10.57 -12.40 16.29
C PRO A 158 -11.97 -12.22 15.69
N GLN A 159 -12.82 -11.44 16.35
CA GLN A 159 -14.17 -11.18 15.83
C GLN A 159 -14.11 -10.48 14.47
N ILE A 160 -12.98 -9.83 14.18
CA ILE A 160 -12.80 -9.14 12.91
C ILE A 160 -12.87 -10.10 11.72
N ILE A 161 -12.45 -11.35 11.94
CA ILE A 161 -12.43 -12.35 10.88
C ILE A 161 -13.79 -12.57 10.22
N ASP A 162 -14.81 -12.87 11.03
CA ASP A 162 -16.14 -13.09 10.48
C ASP A 162 -16.76 -11.83 9.91
N ASP A 163 -16.54 -10.69 10.55
CA ASP A 163 -17.10 -9.44 10.05
C ASP A 163 -16.47 -9.05 8.71
N PHE A 164 -15.16 -9.28 8.58
CA PHE A 164 -14.47 -8.98 7.32
C PHE A 164 -14.94 -9.95 6.24
N LYS A 165 -15.11 -11.22 6.63
CA LYS A 165 -15.58 -12.25 5.70
C LYS A 165 -16.95 -11.91 5.13
N ASP A 166 -17.87 -11.48 6.00
CA ASP A 166 -19.22 -11.12 5.57
C ASP A 166 -19.22 -9.90 4.65
N TYR A 167 -18.33 -8.95 4.94
CA TYR A 167 -18.19 -7.75 4.13
C TYR A 167 -17.65 -8.13 2.75
N ALA A 168 -16.60 -8.96 2.74
CA ALA A 168 -16.01 -9.40 1.48
C ALA A 168 -17.02 -10.19 0.65
N ASP A 169 -17.82 -11.01 1.32
CA ASP A 169 -18.83 -11.79 0.64
C ASP A 169 -19.81 -10.88 -0.08
N LEU A 170 -20.20 -9.78 0.58
CA LEU A 170 -21.11 -8.82 -0.02
C LEU A 170 -20.48 -8.22 -1.27
N CYS A 171 -19.20 -7.87 -1.18
CA CYS A 171 -18.48 -7.30 -2.31
C CYS A 171 -18.40 -8.27 -3.49
N PHE A 172 -18.09 -9.53 -3.22
CA PHE A 172 -18.00 -10.52 -4.29
C PHE A 172 -19.36 -10.72 -4.93
N GLU A 173 -20.39 -10.81 -4.09
CA GLU A 173 -21.77 -10.99 -4.54
C GLU A 173 -22.23 -9.85 -5.43
N GLU A 174 -21.98 -8.62 -4.97
CA GLU A 174 -22.41 -7.43 -5.71
C GLU A 174 -21.56 -7.01 -6.90
N PHE A 175 -20.25 -7.12 -6.77
CA PHE A 175 -19.34 -6.65 -7.80
C PHE A 175 -18.50 -7.67 -8.56
N GLY A 176 -18.48 -8.90 -8.04
CA GLY A 176 -17.68 -9.96 -8.64
C GLY A 176 -17.92 -10.34 -10.09
N ASP A 177 -19.12 -10.06 -10.59
CA ASP A 177 -19.41 -10.39 -11.99
C ASP A 177 -18.63 -9.47 -12.93
N SER A 178 -18.22 -8.31 -12.42
CA SER A 178 -17.47 -7.35 -13.22
C SER A 178 -16.03 -7.19 -12.78
N VAL A 179 -15.77 -7.31 -11.48
CA VAL A 179 -14.42 -7.18 -10.94
C VAL A 179 -13.75 -8.55 -10.93
N LYS A 180 -12.59 -8.65 -11.58
CA LYS A 180 -11.87 -9.91 -11.68
C LYS A 180 -10.51 -9.91 -10.96
N TYR A 181 -10.17 -8.79 -10.35
CA TYR A 181 -8.92 -8.67 -9.61
C TYR A 181 -9.23 -8.03 -8.27
N TRP A 182 -9.07 -8.81 -7.21
CA TRP A 182 -9.35 -8.35 -5.86
C TRP A 182 -8.11 -8.33 -4.99
N LEU A 183 -8.01 -7.29 -4.15
CA LEU A 183 -6.93 -7.17 -3.18
C LEU A 183 -7.67 -7.22 -1.85
N THR A 184 -7.15 -7.99 -0.90
CA THR A 184 -7.81 -8.11 0.40
C THR A 184 -7.50 -6.95 1.34
N ILE A 185 -6.29 -6.96 1.90
CA ILE A 185 -5.86 -5.94 2.83
C ILE A 185 -4.67 -5.19 2.26
N ASN A 186 -4.76 -3.86 2.27
CA ASN A 186 -3.66 -3.04 1.77
C ASN A 186 -2.47 -3.06 2.72
N GLN A 187 -1.28 -3.18 2.14
CA GLN A 187 0.00 -3.20 2.88
C GLN A 187 -0.10 -3.84 4.25
N LEU A 188 -0.06 -5.16 4.27
CA LEU A 188 -0.19 -5.93 5.50
C LEU A 188 0.66 -5.44 6.67
N TYR A 189 1.87 -4.99 6.38
CA TYR A 189 2.80 -4.52 7.40
C TYR A 189 2.40 -3.21 8.10
N SER A 190 1.69 -2.34 7.38
CA SER A 190 1.33 -1.02 7.86
C SER A 190 0.47 -0.83 9.10
N VAL A 191 -0.73 -1.40 9.11
CA VAL A 191 -1.60 -1.23 10.27
C VAL A 191 -1.00 -1.80 11.56
N PRO A 192 -0.43 -3.01 11.51
CA PRO A 192 0.15 -3.56 12.74
C PRO A 192 1.21 -2.65 13.36
N THR A 193 2.11 -2.16 12.52
CA THR A 193 3.20 -1.31 13.00
C THR A 193 2.84 0.15 13.24
N ARG A 194 2.23 0.78 12.26
CA ARG A 194 1.88 2.20 12.38
C ARG A 194 0.61 2.46 13.18
N GLY A 195 -0.34 1.54 13.10
CA GLY A 195 -1.60 1.73 13.82
C GLY A 195 -1.61 1.22 15.24
N TYR A 196 -0.80 0.20 15.52
CA TYR A 196 -0.73 -0.42 16.84
C TYR A 196 0.66 -0.42 17.47
N GLY A 197 1.63 0.13 16.75
CA GLY A 197 2.99 0.17 17.27
C GLY A 197 3.44 1.58 17.56
N SER A 198 3.61 2.37 16.51
CA SER A 198 4.04 3.76 16.65
C SER A 198 2.87 4.72 16.83
N ALA A 199 1.66 4.26 16.50
CA ALA A 199 0.44 5.07 16.59
C ALA A 199 0.46 6.27 15.66
N LEU A 200 1.21 6.16 14.57
CA LEU A 200 1.26 7.22 13.58
C LEU A 200 0.00 7.16 12.74
N ASP A 201 -0.59 5.97 12.66
CA ASP A 201 -1.80 5.72 11.89
C ASP A 201 -2.96 5.24 12.76
N ALA A 202 -4.16 5.30 12.20
CA ALA A 202 -5.36 4.83 12.89
C ALA A 202 -5.14 3.33 13.14
N PRO A 203 -5.69 2.79 14.25
CA PRO A 203 -6.51 3.48 15.26
C PRO A 203 -5.74 4.35 16.25
N GLY A 204 -4.41 4.27 16.23
CA GLY A 204 -3.62 5.09 17.13
C GLY A 204 -3.39 4.50 18.51
N ARG A 205 -3.15 3.19 18.56
CA ARG A 205 -2.88 2.50 19.81
C ARG A 205 -1.38 2.29 19.96
N CYS A 206 -0.90 2.34 21.20
CA CYS A 206 0.51 2.14 21.47
C CYS A 206 0.74 2.06 22.97
N SER A 207 1.97 1.76 23.37
CA SER A 207 2.33 1.70 24.78
C SER A 207 2.36 3.12 25.31
N PRO A 208 1.94 3.33 26.57
CA PRO A 208 1.91 4.65 27.20
C PRO A 208 3.18 5.50 27.05
N THR A 209 4.35 4.88 27.16
CA THR A 209 5.60 5.63 27.04
C THR A 209 6.06 5.87 25.61
N VAL A 210 5.47 5.16 24.65
CA VAL A 210 5.81 5.35 23.24
C VAL A 210 5.17 6.66 22.79
N ASP A 211 3.92 6.87 23.21
CA ASP A 211 3.18 8.09 22.90
C ASP A 211 2.05 8.21 23.91
N PRO A 212 2.16 9.17 24.84
CA PRO A 212 1.14 9.40 25.87
C PRO A 212 -0.25 9.71 25.34
N SER A 213 -0.33 10.12 24.07
CA SER A 213 -1.62 10.44 23.46
C SER A 213 -2.46 9.21 23.09
N CYS A 214 -1.82 8.05 22.94
CA CYS A 214 -2.56 6.85 22.60
C CYS A 214 -3.60 6.56 23.67
N TYR A 215 -4.81 6.21 23.24
CA TYR A 215 -5.89 5.95 24.19
C TYR A 215 -5.74 4.62 24.93
N ALA A 216 -4.97 3.71 24.34
CA ALA A 216 -4.71 2.39 24.90
C ALA A 216 -3.71 1.70 24.00
N GLY A 217 -3.25 0.53 24.41
CA GLY A 217 -2.32 -0.21 23.57
C GLY A 217 -1.10 -0.82 24.23
N ASN A 218 -0.33 -1.51 23.39
CA ASN A 218 0.90 -2.17 23.79
C ASN A 218 1.65 -2.38 22.48
N SER A 219 2.64 -1.53 22.25
CA SER A 219 3.44 -1.56 21.03
C SER A 219 4.27 -2.82 20.85
N SER A 220 4.51 -3.54 21.94
CA SER A 220 5.32 -4.75 21.90
C SER A 220 4.54 -6.00 21.50
N THR A 221 3.26 -6.02 21.83
CA THR A 221 2.41 -7.18 21.57
C THR A 221 1.34 -7.02 20.50
N GLU A 222 0.67 -5.87 20.51
CA GLU A 222 -0.42 -5.65 19.57
C GLU A 222 -0.11 -5.77 18.09
N PRO A 223 1.06 -5.29 17.64
CA PRO A 223 1.34 -5.43 16.20
C PRO A 223 1.30 -6.89 15.76
N TYR A 224 1.77 -7.80 16.61
CA TYR A 224 1.76 -9.22 16.27
C TYR A 224 0.36 -9.81 16.27
N ILE A 225 -0.46 -9.40 17.22
CA ILE A 225 -1.84 -9.87 17.31
C ILE A 225 -2.61 -9.40 16.07
N VAL A 226 -2.46 -8.12 15.74
CA VAL A 226 -3.15 -7.53 14.59
C VAL A 226 -2.68 -8.15 13.28
N ALA A 227 -1.37 -8.37 13.15
CA ALA A 227 -0.82 -8.97 11.93
C ALA A 227 -1.37 -10.38 11.75
N HIS A 228 -1.46 -11.11 12.86
CA HIS A 228 -1.97 -12.48 12.86
C HIS A 228 -3.42 -12.49 12.40
N HIS A 229 -4.23 -11.60 12.98
CA HIS A 229 -5.64 -11.53 12.61
C HIS A 229 -5.82 -11.08 11.16
N GLN A 230 -4.91 -10.22 10.68
CA GLN A 230 -4.98 -9.78 9.29
C GLN A 230 -4.77 -10.98 8.38
N LEU A 231 -3.78 -11.81 8.70
CA LEU A 231 -3.50 -12.99 7.89
C LEU A 231 -4.66 -13.96 7.91
N LEU A 232 -5.25 -14.17 9.08
CA LEU A 232 -6.40 -15.07 9.20
C LEU A 232 -7.62 -14.51 8.47
N ALA A 233 -7.87 -13.22 8.62
CA ALA A 233 -9.01 -12.58 7.96
C ALA A 233 -8.82 -12.63 6.45
N HIS A 234 -7.62 -12.29 6.00
CA HIS A 234 -7.28 -12.36 4.59
C HIS A 234 -7.50 -13.76 4.04
N ALA A 235 -6.96 -14.76 4.75
CA ALA A 235 -7.07 -16.15 4.32
C ALA A 235 -8.50 -16.65 4.27
N LYS A 236 -9.31 -16.24 5.23
CA LYS A 236 -10.71 -16.65 5.29
C LYS A 236 -11.43 -16.10 4.06
N VAL A 237 -11.10 -14.87 3.69
CA VAL A 237 -11.71 -14.22 2.54
C VAL A 237 -11.26 -14.86 1.22
N VAL A 238 -9.98 -15.24 1.14
CA VAL A 238 -9.48 -15.89 -0.07
C VAL A 238 -10.15 -17.27 -0.23
N ASP A 239 -10.31 -17.97 0.88
CA ASP A 239 -10.96 -19.29 0.88
C ASP A 239 -12.41 -19.13 0.43
N LEU A 240 -13.09 -18.10 0.94
CA LEU A 240 -14.46 -17.83 0.56
C LEU A 240 -14.55 -17.54 -0.93
N TYR A 241 -13.64 -16.72 -1.42
CA TYR A 241 -13.61 -16.35 -2.82
C TYR A 241 -13.39 -17.55 -3.74
N ARG A 242 -12.41 -18.37 -3.41
CA ARG A 242 -12.09 -19.52 -4.24
C ARG A 242 -13.05 -20.69 -4.13
N LYS A 243 -13.80 -20.75 -3.04
CA LYS A 243 -14.77 -21.83 -2.87
C LYS A 243 -16.19 -21.47 -3.27
N ASN A 244 -16.58 -20.21 -3.08
CA ASN A 244 -17.93 -19.78 -3.39
C ASN A 244 -18.07 -18.84 -4.58
N TYR A 245 -16.95 -18.33 -5.10
CA TYR A 245 -17.01 -17.40 -6.23
C TYR A 245 -16.11 -17.76 -7.40
N THR A 246 -15.74 -19.03 -7.52
CA THR A 246 -14.87 -19.46 -8.61
C THR A 246 -15.55 -19.30 -9.96
N HIS A 247 -16.88 -19.24 -9.97
CA HIS A 247 -17.63 -19.06 -11.21
C HIS A 247 -17.37 -17.69 -11.83
N GLN A 248 -16.88 -16.75 -11.02
CA GLN A 248 -16.60 -15.41 -11.50
C GLN A 248 -15.31 -15.32 -12.32
N GLY A 249 -14.48 -16.35 -12.24
CA GLY A 249 -13.24 -16.39 -13.00
C GLY A 249 -12.27 -15.27 -12.70
N GLY A 250 -12.21 -14.87 -11.44
CA GLY A 250 -11.31 -13.81 -11.05
C GLY A 250 -10.15 -14.30 -10.21
N LYS A 251 -9.32 -13.35 -9.77
CA LYS A 251 -8.16 -13.64 -8.96
C LYS A 251 -8.15 -12.73 -7.73
N ILE A 252 -7.57 -13.21 -6.65
CA ILE A 252 -7.51 -12.45 -5.41
C ILE A 252 -6.15 -12.61 -4.76
N GLY A 253 -5.71 -11.56 -4.07
CA GLY A 253 -4.45 -11.62 -3.39
C GLY A 253 -4.32 -10.50 -2.40
N PRO A 254 -3.30 -10.57 -1.53
CA PRO A 254 -3.05 -9.55 -0.52
C PRO A 254 -2.17 -8.47 -1.13
N THR A 255 -2.04 -7.35 -0.44
CA THR A 255 -1.16 -6.30 -0.88
C THR A 255 -0.03 -6.23 0.13
N MET A 256 1.20 -6.26 -0.38
CA MET A 256 2.37 -6.17 0.46
C MET A 256 3.07 -4.86 0.21
N ILE A 257 3.53 -4.20 1.27
CA ILE A 257 4.35 -3.03 1.06
C ILE A 257 5.73 -3.69 1.02
N THR A 258 6.45 -3.44 -0.07
CA THR A 258 7.78 -3.99 -0.21
C THR A 258 8.82 -2.90 -0.21
N ARG A 259 10.00 -3.28 0.25
CA ARG A 259 11.16 -2.40 0.28
C ARG A 259 12.31 -3.36 0.05
N TRP A 260 13.41 -2.86 -0.47
CA TRP A 260 14.57 -3.71 -0.56
C TRP A 260 15.44 -3.24 0.59
N PHE A 261 16.41 -4.05 0.97
CA PHE A 261 17.31 -3.69 2.05
C PHE A 261 18.72 -4.03 1.63
N LEU A 262 19.62 -3.09 1.90
CA LEU A 262 21.04 -3.26 1.60
C LEU A 262 21.82 -3.04 2.88
N PRO A 263 23.01 -3.65 2.99
CA PRO A 263 23.76 -3.44 4.23
C PRO A 263 24.32 -2.03 4.33
N TYR A 264 24.15 -1.43 5.51
CA TYR A 264 24.68 -0.11 5.80
C TYR A 264 26.19 -0.16 5.55
N ASN A 265 26.77 -1.32 5.79
CA ASN A 265 28.20 -1.56 5.55
C ASN A 265 28.25 -2.97 4.96
N ASP A 266 28.49 -3.05 3.66
CA ASP A 266 28.52 -4.33 2.95
C ASP A 266 29.68 -5.27 3.23
N THR A 267 30.61 -4.87 4.10
CA THR A 267 31.73 -5.73 4.46
C THR A 267 31.69 -6.04 5.95
N ASP A 268 30.61 -5.62 6.61
CA ASP A 268 30.42 -5.85 8.04
C ASP A 268 29.37 -6.94 8.21
N ARG A 269 29.77 -8.06 8.78
CA ARG A 269 28.85 -9.18 8.98
C ARG A 269 27.61 -8.82 9.79
N HIS A 270 27.75 -7.89 10.74
CA HIS A 270 26.62 -7.48 11.57
C HIS A 270 25.58 -6.71 10.76
N SER A 271 26.05 -5.84 9.88
CA SER A 271 25.17 -5.07 9.02
C SER A 271 24.50 -6.01 8.02
N ILE A 272 25.29 -6.93 7.47
CA ILE A 272 24.78 -7.91 6.52
C ILE A 272 23.68 -8.74 7.17
N ALA A 273 23.90 -9.18 8.41
CA ALA A 273 22.91 -9.96 9.14
C ALA A 273 21.64 -9.15 9.41
N ALA A 274 21.81 -7.89 9.79
CA ALA A 274 20.67 -7.01 10.06
C ALA A 274 19.83 -6.84 8.80
N THR A 275 20.51 -6.81 7.65
CA THR A 275 19.85 -6.65 6.35
C THR A 275 18.99 -7.88 6.06
N GLU A 276 19.52 -9.06 6.33
CA GLU A 276 18.77 -10.28 6.10
C GLU A 276 17.63 -10.41 7.10
N ARG A 277 17.85 -9.96 8.32
CA ARG A 277 16.80 -10.00 9.33
C ARG A 277 15.66 -9.09 8.89
N MET A 278 15.99 -7.94 8.32
CA MET A 278 14.97 -7.00 7.86
C MET A 278 14.09 -7.62 6.79
N LYS A 279 14.68 -8.39 5.90
CA LYS A 279 13.90 -9.04 4.85
C LYS A 279 12.87 -9.98 5.48
N GLU A 280 13.31 -10.71 6.50
CA GLU A 280 12.42 -11.64 7.19
C GLU A 280 11.35 -10.94 8.05
N PHE A 281 11.75 -9.90 8.76
CA PHE A 281 10.81 -9.17 9.62
C PHE A 281 9.86 -8.26 8.88
N PHE A 282 10.29 -7.75 7.74
CA PHE A 282 9.47 -6.83 6.96
C PHE A 282 8.63 -7.58 5.93
N LEU A 283 9.28 -8.44 5.14
CA LEU A 283 8.60 -9.22 4.12
C LEU A 283 8.13 -10.59 4.61
N GLY A 284 9.05 -11.33 5.24
CA GLY A 284 8.76 -12.66 5.73
C GLY A 284 7.64 -12.79 6.74
N TRP A 285 7.45 -11.75 7.55
CA TRP A 285 6.40 -11.72 8.57
C TRP A 285 5.07 -12.15 7.95
N PHE A 286 4.85 -11.73 6.71
CA PHE A 286 3.63 -12.06 6.00
C PHE A 286 3.83 -13.10 4.90
N MET A 287 4.95 -13.01 4.19
CA MET A 287 5.22 -13.95 3.12
C MET A 287 5.52 -15.37 3.58
N GLY A 288 6.05 -15.50 4.79
CA GLY A 288 6.31 -16.82 5.34
C GLY A 288 4.97 -17.51 5.52
N PRO A 289 4.01 -16.87 6.23
CA PRO A 289 2.70 -17.49 6.42
C PRO A 289 1.99 -17.73 5.08
N LEU A 290 2.07 -16.76 4.17
CA LEU A 290 1.42 -16.87 2.87
C LEU A 290 1.98 -17.98 1.97
N THR A 291 3.25 -18.33 2.13
CA THR A 291 3.85 -19.38 1.29
C THR A 291 4.12 -20.68 2.01
N ASN A 292 4.14 -20.63 3.34
CA ASN A 292 4.47 -21.83 4.10
C ASN A 292 3.59 -22.11 5.32
N GLY A 293 2.71 -21.16 5.65
CA GLY A 293 1.82 -21.32 6.79
C GLY A 293 2.49 -21.14 8.13
N THR A 294 3.70 -20.57 8.14
CA THR A 294 4.44 -20.35 9.38
C THR A 294 5.22 -19.04 9.30
N TYR A 295 5.51 -18.48 10.47
CA TYR A 295 6.29 -17.25 10.54
C TYR A 295 7.77 -17.63 10.37
N PRO A 296 8.61 -16.69 9.90
CA PRO A 296 10.03 -16.98 9.71
C PRO A 296 10.64 -17.44 11.04
N GLN A 297 11.61 -18.34 10.97
CA GLN A 297 12.25 -18.83 12.18
C GLN A 297 12.86 -17.74 13.03
N ILE A 298 13.48 -16.74 12.40
CA ILE A 298 14.09 -15.64 13.17
C ILE A 298 13.04 -14.89 13.98
N MET A 299 11.81 -14.81 13.45
CA MET A 299 10.74 -14.13 14.18
C MET A 299 10.26 -15.02 15.32
N ILE A 300 10.15 -16.32 15.07
CA ILE A 300 9.72 -17.27 16.10
C ILE A 300 10.71 -17.21 17.27
N ASP A 301 12.00 -17.21 16.96
CA ASP A 301 13.05 -17.17 17.96
C ASP A 301 13.10 -15.86 18.74
N THR A 302 13.05 -14.74 18.01
CA THR A 302 13.14 -13.43 18.64
C THR A 302 11.90 -12.96 19.39
N VAL A 303 10.76 -13.05 18.73
CA VAL A 303 9.49 -12.60 19.30
C VAL A 303 8.94 -13.52 20.37
N GLY A 304 9.29 -14.81 20.30
CA GLY A 304 8.86 -15.78 21.28
C GLY A 304 7.38 -15.82 21.63
N GLU A 305 7.09 -15.68 22.91
CA GLU A 305 5.73 -15.71 23.45
C GLU A 305 4.80 -14.65 22.88
N ARG A 306 5.38 -13.57 22.36
CA ARG A 306 4.59 -12.49 21.78
C ARG A 306 4.13 -12.79 20.36
N LEU A 307 4.63 -13.86 19.77
CA LEU A 307 4.25 -14.22 18.41
C LEU A 307 3.19 -15.30 18.45
N PRO A 308 1.99 -15.00 17.95
CA PRO A 308 0.91 -15.99 17.95
C PRO A 308 1.26 -17.21 17.09
N SER A 309 0.61 -18.33 17.38
CA SER A 309 0.84 -19.55 16.63
C SER A 309 -0.39 -19.88 15.79
N PHE A 310 -0.16 -20.45 14.61
CA PHE A 310 -1.25 -20.87 13.74
C PHE A 310 -1.55 -22.32 14.08
N SER A 311 -2.84 -22.65 14.18
CA SER A 311 -3.22 -24.03 14.43
C SER A 311 -3.01 -24.74 13.09
N PRO A 312 -2.99 -26.08 13.07
CA PRO A 312 -2.80 -26.78 11.80
C PRO A 312 -3.81 -26.35 10.74
N GLU A 313 -5.06 -26.13 11.16
CA GLU A 313 -6.13 -25.70 10.27
C GLU A 313 -5.86 -24.30 9.74
N GLU A 314 -5.46 -23.40 10.63
CA GLU A 314 -5.17 -22.01 10.25
C GLU A 314 -3.96 -21.94 9.31
N SER A 315 -2.94 -22.74 9.61
CA SER A 315 -1.73 -22.77 8.79
C SER A 315 -2.09 -23.20 7.36
N ASN A 316 -2.94 -24.21 7.25
CA ASN A 316 -3.37 -24.71 5.95
C ASN A 316 -4.19 -23.66 5.22
N LEU A 317 -5.00 -22.93 5.97
CA LEU A 317 -5.85 -21.87 5.40
C LEU A 317 -5.03 -20.71 4.85
N VAL A 318 -4.02 -20.30 5.61
CA VAL A 318 -3.17 -19.18 5.21
C VAL A 318 -2.15 -19.53 4.13
N LYS A 319 -1.58 -20.72 4.19
CA LYS A 319 -0.59 -21.13 3.20
C LYS A 319 -1.19 -21.19 1.80
N GLY A 320 -0.57 -20.47 0.87
CA GLY A 320 -1.01 -20.45 -0.50
C GLY A 320 -2.29 -19.67 -0.74
N SER A 321 -2.67 -18.82 0.22
CA SER A 321 -3.89 -18.02 0.12
C SER A 321 -3.80 -16.80 -0.79
N TYR A 322 -3.44 -17.04 -2.04
CA TYR A 322 -3.34 -15.97 -3.02
C TYR A 322 -3.20 -16.54 -4.42
N ASP A 323 -3.75 -15.81 -5.40
CA ASP A 323 -3.65 -16.18 -6.80
C ASP A 323 -2.54 -15.32 -7.38
N PHE A 324 -2.32 -14.16 -6.75
CA PHE A 324 -1.29 -13.22 -7.15
C PHE A 324 -0.96 -12.35 -5.96
N LEU A 325 0.11 -11.57 -6.09
CA LEU A 325 0.51 -10.67 -5.04
C LEU A 325 0.49 -9.25 -5.57
N GLY A 326 -0.14 -8.36 -4.80
CA GLY A 326 -0.15 -6.96 -5.17
C GLY A 326 1.04 -6.39 -4.41
N LEU A 327 2.09 -6.04 -5.14
CA LEU A 327 3.29 -5.50 -4.50
C LEU A 327 3.42 -4.00 -4.67
N ASN A 328 3.40 -3.29 -3.55
CA ASN A 328 3.60 -1.85 -3.55
C ASN A 328 5.09 -1.66 -3.31
N TYR A 329 5.71 -0.72 -4.02
CA TYR A 329 7.12 -0.46 -3.83
C TYR A 329 7.40 1.03 -3.95
N TYR A 330 8.13 1.55 -2.98
CA TYR A 330 8.49 2.97 -2.98
C TYR A 330 9.97 3.22 -2.80
N PHE A 331 10.59 2.57 -1.82
CA PHE A 331 12.00 2.80 -1.56
C PHE A 331 12.73 1.64 -0.91
N THR A 332 14.04 1.85 -0.75
CA THR A 332 14.95 0.87 -0.18
C THR A 332 15.76 1.53 0.95
N GLN A 333 16.12 0.74 1.96
CA GLN A 333 16.88 1.28 3.08
C GLN A 333 18.11 0.46 3.38
N TYR A 334 19.10 1.12 3.97
CA TYR A 334 20.32 0.47 4.42
C TYR A 334 19.99 -0.01 5.82
N ALA A 335 20.50 -1.17 6.18
CA ALA A 335 20.25 -1.74 7.50
C ALA A 335 21.54 -1.96 8.27
N GLN A 336 21.50 -1.60 9.55
CA GLN A 336 22.63 -1.78 10.45
C GLN A 336 22.07 -2.36 11.74
N PRO A 337 22.92 -3.03 12.54
CA PRO A 337 22.39 -3.59 13.79
C PRO A 337 21.90 -2.55 14.80
N SER A 338 20.90 -2.94 15.57
CA SER A 338 20.31 -2.09 16.60
C SER A 338 19.84 -3.00 17.73
N PRO A 339 19.98 -2.55 18.99
CA PRO A 339 19.56 -3.36 20.14
C PRO A 339 18.05 -3.57 20.16
N ASN A 340 17.62 -4.65 20.80
CA ASN A 340 16.20 -4.94 20.93
C ASN A 340 15.86 -5.06 22.42
N PRO A 341 15.59 -3.90 23.07
CA PRO A 341 15.27 -3.84 24.51
C PRO A 341 13.83 -4.26 24.82
N VAL A 342 13.59 -5.57 24.79
CA VAL A 342 12.27 -6.13 25.04
C VAL A 342 11.68 -5.79 26.42
N ASN A 343 12.54 -5.54 27.40
CA ASN A 343 12.09 -5.20 28.75
C ASN A 343 11.72 -3.74 28.95
N SER A 344 12.14 -2.88 28.04
CA SER A 344 11.85 -1.45 28.13
C SER A 344 10.37 -1.17 27.95
N THR A 345 9.84 -0.21 28.71
CA THR A 345 8.43 0.14 28.61
C THR A 345 8.10 0.74 27.25
N ASN A 346 9.12 1.23 26.56
CA ASN A 346 8.93 1.82 25.24
C ASN A 346 9.22 0.86 24.10
N HIS A 347 9.33 -0.44 24.42
CA HIS A 347 9.62 -1.43 23.39
C HIS A 347 8.49 -1.52 22.36
N THR A 348 8.88 -1.62 21.09
CA THR A 348 7.91 -1.76 20.01
C THR A 348 8.27 -3.00 19.21
N ALA A 349 7.27 -3.56 18.54
CA ALA A 349 7.47 -4.73 17.71
C ALA A 349 8.53 -4.47 16.64
N MET A 350 8.59 -3.22 16.17
CA MET A 350 9.54 -2.83 15.14
C MET A 350 11.00 -2.99 15.58
N MET A 351 11.22 -3.01 16.90
CA MET A 351 12.56 -3.16 17.44
C MET A 351 13.04 -4.62 17.38
N ASP A 352 12.11 -5.55 17.29
CA ASP A 352 12.45 -6.98 17.24
C ASP A 352 13.39 -7.38 16.11
N ALA A 353 13.35 -6.64 15.00
CA ALA A 353 14.22 -6.93 13.87
C ALA A 353 15.70 -6.69 14.20
N GLY A 354 15.95 -5.89 15.23
CA GLY A 354 17.31 -5.58 15.64
C GLY A 354 18.07 -4.83 14.55
N ALA A 355 17.38 -3.89 13.91
CA ALA A 355 18.00 -3.13 12.83
C ALA A 355 17.58 -1.67 12.82
N LYS A 356 18.53 -0.82 12.45
CA LYS A 356 18.32 0.61 12.31
C LYS A 356 18.38 0.86 10.81
N LEU A 357 17.40 1.58 10.30
CA LEU A 357 17.30 1.86 8.87
C LEU A 357 17.67 3.29 8.50
N THR A 358 18.46 3.43 7.44
CA THR A 358 18.89 4.74 6.96
C THR A 358 18.87 4.77 5.43
N TYR A 359 19.13 5.95 4.87
CA TYR A 359 19.17 6.13 3.43
C TYR A 359 20.59 6.48 3.00
N ILE A 360 21.50 6.53 3.97
CA ILE A 360 22.90 6.85 3.76
C ILE A 360 23.70 5.69 4.35
N ASN A 361 24.71 5.19 3.63
CA ASN A 361 25.48 4.08 4.17
C ASN A 361 26.69 4.52 4.97
N ALA A 362 27.47 3.56 5.46
CA ALA A 362 28.63 3.83 6.30
C ALA A 362 29.67 4.77 5.70
N SER A 363 29.81 4.73 4.37
CA SER A 363 30.77 5.59 3.68
C SER A 363 30.18 6.94 3.28
N GLY A 364 28.97 7.22 3.75
CA GLY A 364 28.31 8.49 3.43
C GLY A 364 27.56 8.56 2.11
N HIS A 365 27.37 7.42 1.48
CA HIS A 365 26.66 7.38 0.20
C HIS A 365 25.15 7.39 0.34
N TYR A 366 24.50 8.39 -0.26
CA TYR A 366 23.04 8.45 -0.25
C TYR A 366 22.61 7.45 -1.31
N ILE A 367 21.66 6.60 -0.94
CA ILE A 367 21.20 5.52 -1.81
C ILE A 367 20.68 5.92 -3.19
N GLY A 368 20.16 7.13 -3.31
CA GLY A 368 19.64 7.59 -4.58
C GLY A 368 19.09 9.00 -4.48
N PRO A 369 18.31 9.44 -5.47
CA PRO A 369 17.72 10.78 -5.50
C PRO A 369 16.71 11.01 -4.38
N LEU A 370 16.48 12.28 -4.08
CA LEU A 370 15.55 12.67 -3.03
C LEU A 370 14.14 12.14 -3.33
N PHE A 371 13.53 11.52 -2.31
CA PHE A 371 12.18 10.98 -2.42
C PHE A 371 11.21 11.88 -1.68
N GLU A 372 11.56 12.28 -0.46
CA GLU A 372 10.71 13.16 0.34
C GLU A 372 11.54 13.98 1.31
N LYS A 373 11.37 15.30 1.23
CA LYS A 373 12.09 16.23 2.10
C LYS A 373 11.32 16.44 3.40
N ASP A 374 12.00 16.25 4.52
CA ASP A 374 11.40 16.44 5.84
C ASP A 374 11.85 17.80 6.35
N LYS A 375 10.91 18.74 6.43
CA LYS A 375 11.20 20.09 6.91
C LYS A 375 11.56 20.14 8.40
N ALA A 376 10.96 19.25 9.18
CA ALA A 376 11.21 19.19 10.62
C ALA A 376 12.66 18.78 10.93
N ASP A 377 13.23 17.95 10.06
CA ASP A 377 14.60 17.48 10.24
C ASP A 377 15.19 17.02 8.90
N SER A 378 16.30 17.63 8.52
CA SER A 378 16.98 17.31 7.26
C SER A 378 17.51 15.88 7.23
N THR A 379 17.97 15.39 8.37
CA THR A 379 18.50 14.03 8.49
C THR A 379 17.42 12.96 8.38
N ASP A 380 16.16 13.39 8.31
CA ASP A 380 15.04 12.46 8.21
C ASP A 380 14.48 12.38 6.78
N ASN A 381 15.23 12.91 5.82
CA ASN A 381 14.82 12.89 4.42
C ASN A 381 14.84 11.46 3.88
N ILE A 382 13.90 11.16 2.99
CA ILE A 382 13.82 9.84 2.38
C ILE A 382 14.38 9.95 0.96
N TYR A 383 15.13 8.94 0.55
CA TYR A 383 15.72 8.89 -0.79
C TYR A 383 15.29 7.60 -1.46
N TYR A 384 15.16 7.63 -2.78
CA TYR A 384 14.74 6.43 -3.50
C TYR A 384 15.88 5.68 -4.15
N TYR A 385 15.56 4.52 -4.73
CA TYR A 385 16.55 3.63 -5.30
C TYR A 385 15.85 2.80 -6.38
N PRO A 386 15.92 3.25 -7.65
CA PRO A 386 15.27 2.55 -8.76
C PRO A 386 15.55 1.06 -8.87
N LYS A 387 16.80 0.64 -8.63
CA LYS A 387 17.17 -0.76 -8.71
C LYS A 387 16.42 -1.62 -7.68
N GLY A 388 15.92 -0.97 -6.64
CA GLY A 388 15.19 -1.68 -5.60
C GLY A 388 14.01 -2.47 -6.13
N ILE A 389 13.32 -1.94 -7.13
CA ILE A 389 12.17 -2.66 -7.67
C ILE A 389 12.64 -3.94 -8.38
N TYR A 390 13.82 -3.89 -8.98
CA TYR A 390 14.40 -5.05 -9.65
C TYR A 390 14.73 -6.10 -8.58
N SER A 391 15.42 -5.65 -7.54
CA SER A 391 15.81 -6.55 -6.45
C SER A 391 14.62 -7.17 -5.74
N VAL A 392 13.57 -6.39 -5.51
CA VAL A 392 12.37 -6.91 -4.84
C VAL A 392 11.70 -7.99 -5.69
N MET A 393 11.50 -7.71 -6.97
CA MET A 393 10.85 -8.66 -7.86
C MET A 393 11.64 -9.95 -7.97
N ASP A 394 12.96 -9.82 -8.13
CA ASP A 394 13.85 -10.97 -8.23
C ASP A 394 13.76 -11.81 -6.96
N TYR A 395 13.73 -11.13 -5.81
CA TYR A 395 13.64 -11.80 -4.53
C TYR A 395 12.33 -12.57 -4.40
N PHE A 396 11.22 -11.93 -4.74
CA PHE A 396 9.93 -12.60 -4.65
C PHE A 396 9.86 -13.85 -5.54
N LYS A 397 10.42 -13.76 -6.74
CA LYS A 397 10.40 -14.93 -7.62
C LYS A 397 11.23 -16.09 -7.07
N ASN A 398 12.44 -15.78 -6.62
CA ASN A 398 13.33 -16.81 -6.11
C ASN A 398 13.07 -17.33 -4.71
N LYS A 399 12.60 -16.45 -3.83
CA LYS A 399 12.34 -16.82 -2.45
C LYS A 399 10.89 -17.26 -2.21
N TYR A 400 9.95 -16.65 -2.93
CA TYR A 400 8.54 -16.94 -2.72
C TYR A 400 7.77 -17.66 -3.81
N TYR A 401 8.42 -18.67 -4.38
CA TYR A 401 7.82 -19.55 -5.37
C TYR A 401 7.25 -18.99 -6.67
N ASN A 402 8.00 -18.09 -7.31
CA ASN A 402 7.61 -17.55 -8.61
C ASN A 402 6.12 -17.13 -8.68
N PRO A 403 5.73 -16.14 -7.88
CA PRO A 403 4.33 -15.70 -7.89
C PRO A 403 3.95 -14.77 -9.02
N LEU A 404 2.66 -14.72 -9.31
CA LEU A 404 2.11 -13.79 -10.29
C LEU A 404 2.08 -12.48 -9.50
N ILE A 405 2.61 -11.43 -10.09
CA ILE A 405 2.69 -10.14 -9.42
C ILE A 405 2.13 -8.99 -10.24
N TYR A 406 1.52 -8.04 -9.52
CA TYR A 406 1.02 -6.81 -10.09
C TYR A 406 1.58 -5.75 -9.18
N VAL A 407 2.28 -4.77 -9.75
CA VAL A 407 2.82 -3.68 -8.94
C VAL A 407 1.62 -2.78 -8.71
N THR A 408 1.08 -2.84 -7.50
CA THR A 408 -0.13 -2.11 -7.15
C THR A 408 0.01 -0.67 -6.68
N GLU A 409 1.25 -0.24 -6.43
CA GLU A 409 1.55 1.14 -6.05
C GLU A 409 3.04 1.41 -6.27
N ASN A 410 3.34 2.59 -6.80
CA ASN A 410 4.71 3.05 -7.05
C ASN A 410 4.53 4.52 -7.41
N GLY A 411 5.13 5.41 -6.63
CA GLY A 411 4.99 6.83 -6.91
C GLY A 411 5.84 7.69 -6.00
N ILE A 412 5.75 9.00 -6.18
CA ILE A 412 6.55 9.93 -5.40
C ILE A 412 5.76 11.21 -5.14
N SER A 413 6.02 11.86 -4.01
CA SER A 413 5.31 13.09 -3.69
C SER A 413 6.11 14.33 -4.04
N THR A 414 5.40 15.45 -4.09
CA THR A 414 5.99 16.76 -4.33
C THR A 414 5.34 17.61 -3.24
N PRO A 415 6.05 18.64 -2.76
CA PRO A 415 5.55 19.54 -1.70
C PRO A 415 4.20 20.19 -1.96
N GLY A 416 3.40 20.30 -0.90
CA GLY A 416 2.11 20.93 -0.99
C GLY A 416 2.23 22.45 -1.02
N ASP A 417 3.41 22.96 -0.66
CA ASP A 417 3.66 24.39 -0.64
C ASP A 417 3.78 24.99 -2.04
N GLU A 418 4.14 24.14 -3.02
CA GLU A 418 4.27 24.58 -4.40
C GLU A 418 2.95 25.11 -4.96
N ASN A 419 3.04 26.13 -5.81
CA ASN A 419 1.84 26.70 -6.42
C ASN A 419 1.38 25.80 -7.57
N ARG A 420 0.30 26.18 -8.23
CA ARG A 420 -0.25 25.38 -9.33
C ARG A 420 0.78 25.07 -10.42
N ASN A 421 1.43 26.11 -10.95
CA ASN A 421 2.42 25.94 -12.00
C ASN A 421 3.58 25.02 -11.61
N GLN A 422 4.11 25.20 -10.41
CA GLN A 422 5.22 24.37 -9.92
C GLN A 422 4.80 22.92 -9.78
N SER A 423 3.60 22.71 -9.23
CA SER A 423 3.05 21.37 -9.03
C SER A 423 2.82 20.65 -10.35
N MET A 424 2.44 21.40 -11.38
CA MET A 424 2.18 20.85 -12.71
C MET A 424 3.46 20.41 -13.40
N LEU A 425 4.56 21.13 -13.15
CA LEU A 425 5.85 20.82 -13.75
C LEU A 425 6.59 19.83 -12.86
N ASP A 426 5.98 18.66 -12.69
CA ASP A 426 6.53 17.61 -11.84
C ASP A 426 7.50 16.66 -12.53
N TYR A 427 8.61 17.20 -13.01
CA TYR A 427 9.63 16.40 -13.68
C TYR A 427 10.25 15.37 -12.76
N THR A 428 10.27 15.66 -11.46
CA THR A 428 10.82 14.72 -10.48
C THR A 428 9.98 13.44 -10.47
N ARG A 429 8.68 13.59 -10.75
CA ARG A 429 7.79 12.44 -10.78
C ARG A 429 8.02 11.61 -12.04
N ILE A 430 8.28 12.26 -13.17
CA ILE A 430 8.57 11.54 -14.40
C ILE A 430 9.83 10.71 -14.18
N ASP A 431 10.85 11.34 -13.59
CA ASP A 431 12.11 10.66 -13.32
C ASP A 431 11.92 9.45 -12.42
N TYR A 432 11.13 9.62 -11.36
CA TYR A 432 10.89 8.52 -10.45
C TYR A 432 10.16 7.37 -11.15
N LEU A 433 9.07 7.70 -11.83
CA LEU A 433 8.28 6.67 -12.50
C LEU A 433 9.04 5.96 -13.60
N CYS A 434 9.71 6.70 -14.47
CA CYS A 434 10.43 6.07 -15.57
C CYS A 434 11.63 5.25 -15.12
N SER A 435 12.34 5.71 -14.09
CA SER A 435 13.50 4.97 -13.61
C SER A 435 13.10 3.62 -13.02
N HIS A 436 11.94 3.59 -12.37
CA HIS A 436 11.43 2.35 -11.80
C HIS A 436 10.87 1.44 -12.89
N LEU A 437 10.22 2.03 -13.88
CA LEU A 437 9.67 1.25 -14.99
C LEU A 437 10.80 0.62 -15.80
N CYS A 438 11.93 1.32 -15.91
CA CYS A 438 13.06 0.78 -16.64
C CYS A 438 13.52 -0.50 -15.97
N PHE A 439 13.75 -0.41 -14.66
CA PHE A 439 14.18 -1.56 -13.88
C PHE A 439 13.15 -2.68 -13.83
N LEU A 440 11.87 -2.33 -13.88
CA LEU A 440 10.83 -3.35 -13.86
C LEU A 440 10.89 -4.13 -15.17
N ASN A 441 11.05 -3.42 -16.29
CA ASN A 441 11.16 -4.08 -17.59
C ASN A 441 12.41 -4.96 -17.59
N LYS A 442 13.50 -4.42 -17.03
CA LYS A 442 14.78 -5.13 -16.96
C LYS A 442 14.66 -6.43 -16.15
N VAL A 443 13.97 -6.39 -15.02
CA VAL A 443 13.84 -7.59 -14.20
C VAL A 443 12.93 -8.65 -14.83
N ILE A 444 11.91 -8.20 -15.54
CA ILE A 444 10.99 -9.12 -16.21
C ILE A 444 11.77 -9.87 -17.30
N LYS A 445 12.57 -9.14 -18.07
CA LYS A 445 13.34 -9.73 -19.16
C LYS A 445 14.54 -10.57 -18.71
N GLU A 446 15.26 -10.09 -17.70
CA GLU A 446 16.45 -10.80 -17.21
C GLU A 446 16.19 -11.92 -16.22
N LYS A 447 15.21 -11.75 -15.36
CA LYS A 447 14.90 -12.75 -14.35
C LYS A 447 13.61 -13.51 -14.57
N ASP A 448 12.85 -13.12 -15.60
CA ASP A 448 11.59 -13.77 -15.93
C ASP A 448 10.58 -13.75 -14.79
N VAL A 449 10.56 -12.64 -14.05
CA VAL A 449 9.60 -12.50 -12.96
C VAL A 449 8.23 -12.32 -13.60
N ASN A 450 7.23 -13.00 -13.04
CA ASN A 450 5.89 -12.94 -13.60
C ASN A 450 5.09 -11.70 -13.18
N VAL A 451 5.53 -10.54 -13.64
CA VAL A 451 4.85 -9.28 -13.37
C VAL A 451 3.95 -9.00 -14.56
N LYS A 452 2.67 -8.76 -14.31
CA LYS A 452 1.73 -8.52 -15.41
C LYS A 452 1.04 -7.17 -15.41
N GLY A 453 1.40 -6.30 -14.47
CA GLY A 453 0.77 -4.99 -14.43
C GLY A 453 1.50 -4.02 -13.52
N TYR A 454 1.24 -2.73 -13.75
CA TYR A 454 1.86 -1.65 -12.99
C TYR A 454 0.85 -0.52 -12.80
N LEU A 455 0.62 -0.17 -11.55
CA LEU A 455 -0.33 0.90 -11.22
C LEU A 455 0.39 1.94 -10.39
N ALA A 456 0.61 3.11 -10.98
CA ALA A 456 1.30 4.21 -10.30
C ALA A 456 0.42 4.80 -9.21
N TRP A 457 1.02 5.18 -8.10
CA TRP A 457 0.24 5.72 -7.00
C TRP A 457 -0.35 7.11 -7.19
N ALA A 458 -1.62 7.19 -6.86
CA ALA A 458 -2.40 8.40 -6.94
C ALA A 458 -2.74 8.90 -8.34
N LEU A 459 -3.96 8.60 -8.73
CA LEU A 459 -4.51 9.03 -10.01
C LEU A 459 -4.46 10.57 -9.95
N GLY A 460 -4.67 11.10 -8.75
CA GLY A 460 -4.64 12.53 -8.54
C GLY A 460 -4.24 12.87 -7.12
N ASP A 461 -4.13 14.16 -6.84
CA ASP A 461 -3.76 14.60 -5.51
C ASP A 461 -4.91 14.31 -4.56
N ASN A 462 -4.58 13.86 -3.35
CA ASN A 462 -5.60 13.52 -2.36
C ASN A 462 -5.05 13.66 -0.96
N TYR A 463 -5.84 13.24 0.02
CA TYR A 463 -5.40 13.28 1.40
C TYR A 463 -4.39 12.15 1.54
N GLU A 464 -3.20 12.46 2.02
CA GLU A 464 -2.17 11.45 2.22
C GLU A 464 -2.15 11.12 3.69
N PHE A 465 -2.28 9.82 4.02
CA PHE A 465 -2.25 9.39 5.41
C PHE A 465 -1.06 10.00 6.15
N ASN A 466 -1.34 10.60 7.30
CA ASN A 466 -0.32 11.24 8.15
C ASN A 466 0.18 12.58 7.67
N LYS A 467 -0.03 12.90 6.39
CA LYS A 467 0.48 14.15 5.83
C LYS A 467 -0.57 15.18 5.43
N GLY A 468 -1.85 14.85 5.57
CA GLY A 468 -2.88 15.79 5.18
C GLY A 468 -2.75 16.13 3.71
N PHE A 469 -2.65 17.42 3.41
CA PHE A 469 -2.51 17.87 2.03
C PHE A 469 -1.16 18.58 1.84
N THR A 470 -0.22 18.27 2.72
CA THR A 470 1.11 18.88 2.67
C THR A 470 1.99 18.27 1.58
N VAL A 471 1.53 17.17 0.98
CA VAL A 471 2.26 16.53 -0.11
C VAL A 471 1.27 16.09 -1.17
N ARG A 472 1.73 16.06 -2.42
CA ARG A 472 0.91 15.66 -3.55
C ARG A 472 1.56 14.45 -4.23
N PHE A 473 0.75 13.45 -4.53
CA PHE A 473 1.25 12.23 -5.19
C PHE A 473 0.61 12.01 -6.56
N GLY A 474 -0.35 12.84 -6.92
CA GLY A 474 -1.04 12.63 -8.18
C GLY A 474 -0.33 12.88 -9.49
N LEU A 475 -0.74 12.12 -10.50
CA LEU A 475 -0.23 12.29 -11.85
C LEU A 475 -1.11 13.37 -12.48
N SER A 476 -2.22 13.67 -11.79
CA SER A 476 -3.15 14.72 -12.21
C SER A 476 -3.31 15.66 -11.01
N TYR A 477 -3.35 16.96 -11.30
CA TYR A 477 -3.48 18.01 -10.30
C TYR A 477 -4.90 18.31 -9.87
N ILE A 478 -5.07 18.65 -8.59
CA ILE A 478 -6.37 18.98 -8.03
C ILE A 478 -6.27 20.25 -7.18
N ASP A 479 -7.08 21.25 -7.52
CA ASP A 479 -7.12 22.52 -6.81
C ASP A 479 -8.02 22.33 -5.59
N TRP A 480 -7.47 22.54 -4.40
CA TRP A 480 -8.24 22.36 -3.17
C TRP A 480 -9.32 23.42 -2.93
N ASN A 481 -9.35 24.44 -3.77
CA ASN A 481 -10.35 25.50 -3.67
C ASN A 481 -11.55 25.15 -4.56
N ASN A 482 -11.32 24.25 -5.51
CA ASN A 482 -12.33 23.78 -6.45
C ASN A 482 -11.81 22.43 -6.94
N VAL A 483 -12.15 21.38 -6.19
CA VAL A 483 -11.69 20.01 -6.46
C VAL A 483 -12.31 19.29 -7.65
N THR A 484 -13.20 19.96 -8.40
CA THR A 484 -13.86 19.36 -9.54
C THR A 484 -12.91 18.79 -10.60
N ASP A 485 -12.02 19.63 -11.11
CA ASP A 485 -11.08 19.22 -12.15
C ASP A 485 -9.89 18.36 -11.73
N ARG A 486 -9.51 17.48 -12.66
CA ARG A 486 -8.39 16.55 -12.50
C ARG A 486 -7.52 16.82 -13.73
N ASP A 487 -6.56 17.73 -13.62
CA ASP A 487 -5.71 18.09 -14.74
C ASP A 487 -4.36 17.37 -14.76
N LEU A 488 -4.08 16.66 -15.86
CA LEU A 488 -2.83 15.92 -16.01
C LEU A 488 -1.61 16.83 -15.88
N LYS A 489 -0.70 16.42 -15.00
CA LYS A 489 0.53 17.17 -14.79
C LYS A 489 1.50 16.72 -15.88
N LYS A 490 2.73 17.22 -15.85
CA LYS A 490 3.72 16.80 -16.84
C LYS A 490 3.90 15.28 -16.77
N SER A 491 3.86 14.73 -15.56
CA SER A 491 4.01 13.29 -15.38
C SER A 491 2.86 12.54 -16.02
N GLY A 492 1.64 13.05 -15.83
CA GLY A 492 0.47 12.43 -16.42
C GLY A 492 0.56 12.46 -17.93
N GLN A 493 1.03 13.59 -18.48
CA GLN A 493 1.19 13.74 -19.92
C GLN A 493 2.27 12.80 -20.44
N TRP A 494 3.35 12.65 -19.68
CA TRP A 494 4.41 11.74 -20.06
C TRP A 494 3.89 10.30 -20.03
N TYR A 495 3.19 9.94 -18.96
CA TYR A 495 2.66 8.59 -18.80
C TYR A 495 1.72 8.25 -19.95
N GLN A 496 0.96 9.24 -20.40
CA GLN A 496 0.03 9.07 -21.52
C GLN A 496 0.85 8.67 -22.76
N SER A 497 1.96 9.35 -22.99
CA SER A 497 2.82 9.06 -24.12
C SER A 497 3.51 7.71 -23.95
N PHE A 498 3.89 7.39 -22.71
CA PHE A 498 4.54 6.12 -22.42
C PHE A 498 3.59 4.97 -22.77
N ILE A 499 2.33 5.11 -22.35
CA ILE A 499 1.31 4.10 -22.60
C ILE A 499 0.98 3.97 -24.09
N SER A 500 0.89 5.11 -24.78
CA SER A 500 0.58 5.11 -26.20
C SER A 500 1.63 5.96 -26.93
N PRO A 501 2.82 5.38 -27.16
CA PRO A 501 3.93 6.07 -27.84
C PRO A 501 3.70 6.38 -29.32
#